data_9GVU
#
_entry.id   9GVU
#
_cell.length_a   70.357
_cell.length_b   72.714
_cell.length_c   91.658
_cell.angle_alpha   90.00
_cell.angle_beta   90.00
_cell.angle_gamma   90.00
#
_symmetry.space_group_name_H-M   'P 21 21 21'
#
loop_
_entity.id
_entity.type
_entity.pdbx_description
1 polymer 'Ras-related protein Rab-27A'
2 polymer 'Cyclic peptide IMP-2660'
3 non-polymer 'MAGNESIUM ION'
4 non-polymer GLYCEROL
5 non-polymer 'PHOSPHOAMINOPHOSPHONIC ACID-GUANYLATE ESTER'
6 water water
#
loop_
_entity_poly.entity_id
_entity_poly.type
_entity_poly.pdbx_seq_one_letter_code
_entity_poly.pdbx_strand_id
1 'polypeptide(L)'
;DYDYLIKFLALGDSGVGKTSVLYQYTDGKFNSKFITTVGIDFREKRVVYRASGPDGATGRGQRIHLQLWDTAGLERFRSL
TTAFFRDAMGFLLLFDLTNEQSFLNVRNWISQLQMHAYSENPDIVLCGNKSDLEDQRVVKEEEAIALAEKYGIPYFETSA
ANGTNISQAIEMLLDLIMKRMERS
;
A,B
2 'polypeptide(L)' LVGSRHTIAIN(XAK)(DTY)R D,F
#
loop_
_chem_comp.id
_chem_comp.type
_chem_comp.name
_chem_comp.formula
GNP non-polymer 'PHOSPHOAMINOPHOSPHONIC ACID-GUANYLATE ESTER' 'C10 H17 N6 O13 P3'
GOL non-polymer GLYCEROL 'C3 H8 O3'
MG non-polymer 'MAGNESIUM ION' 'Mg 2'
XAK peptide-like S-(carboxymethyl)-L-cysteinylglycinamide 'C7 H13 N3 O4 S'
#
# COMPACT_ATOMS: atom_id res chain seq x y z
N ASP A 1 15.29 -0.37 4.78
CA ASP A 1 15.23 0.64 3.74
C ASP A 1 16.63 1.16 3.39
N TYR A 2 17.65 0.34 3.67
CA TYR A 2 18.91 0.89 4.17
C TYR A 2 19.60 1.77 3.13
N ASP A 3 19.86 1.24 1.93
CA ASP A 3 20.30 2.17 0.90
C ASP A 3 19.11 2.78 0.15
N TYR A 4 18.15 1.94 -0.26
CA TYR A 4 17.03 2.39 -1.08
C TYR A 4 15.79 1.57 -0.77
N LEU A 5 14.63 2.22 -0.79
CA LEU A 5 13.36 1.54 -0.66
C LEU A 5 12.66 1.58 -2.02
N ILE A 6 12.49 0.41 -2.63
CA ILE A 6 12.01 0.25 -3.99
C ILE A 6 10.70 -0.53 -3.96
N LYS A 7 9.69 -0.04 -4.69
CA LYS A 7 8.34 -0.61 -4.67
C LYS A 7 7.95 -1.08 -6.07
N PHE A 8 7.51 -2.32 -6.18
CA PHE A 8 7.06 -2.93 -7.43
C PHE A 8 5.61 -3.39 -7.29
N LEU A 9 4.93 -3.48 -8.42
CA LEU A 9 3.55 -3.95 -8.47
C LEU A 9 3.48 -5.12 -9.44
N ALA A 10 2.85 -6.21 -9.01
CA ALA A 10 2.63 -7.38 -9.85
C ALA A 10 1.21 -7.37 -10.40
N LEU A 11 1.06 -7.58 -11.72
CA LEU A 11 -0.24 -7.50 -12.38
C LEU A 11 -0.45 -8.69 -13.29
N GLY A 12 -1.69 -8.84 -13.75
CA GLY A 12 -2.10 -9.90 -14.66
C GLY A 12 -3.48 -10.42 -14.31
N ASP A 13 -4.07 -11.20 -15.23
CA ASP A 13 -5.37 -11.79 -15.00
C ASP A 13 -5.36 -12.66 -13.73
N SER A 14 -6.57 -12.90 -13.21
CA SER A 14 -6.73 -13.81 -12.08
C SER A 14 -6.24 -15.21 -12.44
N GLY A 15 -5.57 -15.85 -11.49
CA GLY A 15 -5.10 -17.19 -11.69
C GLY A 15 -3.72 -17.34 -12.31
N VAL A 16 -3.10 -16.25 -12.80
CA VAL A 16 -1.86 -16.45 -13.54
C VAL A 16 -0.68 -16.76 -12.59
N GLY A 17 -0.79 -16.44 -11.31
CA GLY A 17 0.25 -16.80 -10.35
C GLY A 17 0.98 -15.65 -9.64
N LYS A 18 0.39 -14.45 -9.61
CA LYS A 18 1.04 -13.31 -8.96
C LYS A 18 1.40 -13.60 -7.50
N THR A 19 0.41 -14.00 -6.71
CA THR A 19 0.66 -14.25 -5.30
C THR A 19 1.71 -15.35 -5.13
N SER A 20 1.59 -16.43 -5.90
CA SER A 20 2.54 -17.53 -5.78
C SER A 20 3.94 -17.11 -6.15
N VAL A 21 4.09 -16.19 -7.11
CA VAL A 21 5.43 -15.79 -7.53
C VAL A 21 6.10 -14.98 -6.44
N LEU A 22 5.37 -14.01 -5.86
CA LEU A 22 5.96 -13.17 -4.82
C LEU A 22 6.28 -13.98 -3.56
N TYR A 23 5.44 -14.96 -3.25
CA TYR A 23 5.65 -15.84 -2.11
C TYR A 23 6.84 -16.77 -2.32
N GLN A 24 6.99 -17.32 -3.53
CA GLN A 24 8.18 -18.13 -3.82
C GLN A 24 9.45 -17.30 -3.70
N TYR A 25 9.40 -16.04 -4.15
CA TYR A 25 10.57 -15.16 -4.07
C TYR A 25 10.92 -14.83 -2.63
N THR A 26 9.94 -14.40 -1.83
CA THR A 26 10.29 -13.92 -0.49
C THR A 26 10.55 -15.08 0.47
N ASP A 27 9.80 -16.18 0.35
CA ASP A 27 9.86 -17.28 1.30
C ASP A 27 10.29 -18.62 0.72
N GLY A 28 10.48 -18.73 -0.59
CA GLY A 28 10.82 -20.01 -1.19
C GLY A 28 9.77 -21.09 -0.96
N LYS A 29 8.51 -20.72 -0.82
CA LYS A 29 7.43 -21.66 -0.55
C LYS A 29 6.37 -21.57 -1.65
N PHE A 30 5.58 -22.63 -1.78
CA PHE A 30 4.53 -22.70 -2.80
C PHE A 30 3.34 -23.47 -2.26
N ASN A 31 2.13 -23.03 -2.62
CA ASN A 31 0.90 -23.73 -2.25
C ASN A 31 0.07 -23.99 -3.49
N SER A 32 -0.38 -25.24 -3.64
CA SER A 32 -1.18 -25.64 -4.80
C SER A 32 -2.59 -25.08 -4.75
N LYS A 33 -3.14 -24.83 -3.57
CA LYS A 33 -4.54 -24.43 -3.45
C LYS A 33 -4.70 -22.99 -3.89
N PHE A 34 -5.73 -22.72 -4.70
CA PHE A 34 -6.01 -21.39 -5.21
C PHE A 34 -6.82 -20.61 -4.19
N ILE A 35 -6.20 -19.64 -3.53
CA ILE A 35 -6.93 -18.67 -2.71
C ILE A 35 -6.78 -17.32 -3.40
N THR A 36 -7.85 -16.89 -4.06
CA THR A 36 -7.79 -15.67 -4.84
C THR A 36 -7.64 -14.44 -3.95
N THR A 37 -6.90 -13.46 -4.46
CA THR A 37 -6.54 -12.29 -3.67
C THR A 37 -7.70 -11.29 -3.66
N VAL A 38 -8.07 -10.84 -2.46
CA VAL A 38 -9.08 -9.80 -2.33
C VAL A 38 -8.37 -8.54 -1.87
N GLY A 39 -8.71 -7.43 -2.50
CA GLY A 39 -7.95 -6.20 -2.26
C GLY A 39 -6.50 -6.35 -2.70
N ILE A 40 -5.59 -5.86 -1.86
CA ILE A 40 -4.17 -5.88 -2.16
C ILE A 40 -3.43 -6.51 -1.00
N ASP A 41 -2.12 -6.70 -1.20
CA ASP A 41 -1.23 -7.26 -0.19
C ASP A 41 0.19 -6.93 -0.63
N PHE A 42 1.15 -7.14 0.27
CA PHE A 42 2.53 -6.85 -0.05
C PHE A 42 3.45 -7.69 0.84
N ARG A 43 4.64 -7.96 0.32
CA ARG A 43 5.74 -8.55 1.08
C ARG A 43 6.98 -7.69 0.88
N GLU A 44 7.84 -7.66 1.89
CA GLU A 44 9.08 -6.92 1.88
C GLU A 44 10.25 -7.90 1.97
N LYS A 45 11.36 -7.53 1.32
CA LYS A 45 12.57 -8.34 1.31
C LYS A 45 13.81 -7.45 1.21
N ARG A 46 14.73 -7.64 2.15
CA ARG A 46 16.07 -7.06 2.04
C ARG A 46 16.87 -7.90 1.06
N VAL A 47 17.46 -7.25 0.05
CA VAL A 47 18.33 -7.92 -0.91
C VAL A 47 19.53 -7.03 -1.19
N VAL A 48 20.59 -7.65 -1.71
CA VAL A 48 21.80 -6.94 -2.11
C VAL A 48 21.76 -6.71 -3.61
N TYR A 49 22.02 -5.48 -4.03
CA TYR A 49 22.00 -5.11 -5.44
C TYR A 49 23.40 -4.81 -5.92
N ARG A 50 23.78 -5.42 -7.04
CA ARG A 50 25.11 -5.32 -7.62
C ARG A 50 24.96 -4.81 -9.05
N ALA A 51 25.32 -3.54 -9.25
CA ALA A 51 25.26 -2.95 -10.57
C ALA A 51 26.19 -3.69 -11.52
N SER A 52 25.79 -3.75 -12.79
CA SER A 52 26.57 -4.39 -13.85
C SER A 52 26.83 -3.35 -14.95
N GLY A 53 28.06 -3.28 -15.41
CA GLY A 53 28.41 -2.40 -16.50
C GLY A 53 27.99 -2.98 -17.84
N PRO A 54 28.22 -2.19 -18.90
CA PRO A 54 27.99 -2.72 -20.24
C PRO A 54 28.97 -3.83 -20.60
N ASP A 55 30.18 -3.80 -20.03
CA ASP A 55 31.16 -4.86 -20.20
C ASP A 55 30.98 -6.01 -19.22
N GLY A 56 30.11 -5.86 -18.21
CA GLY A 56 29.94 -6.85 -17.16
C GLY A 56 30.67 -6.55 -15.87
N ALA A 57 31.37 -5.41 -15.78
CA ALA A 57 32.03 -5.01 -14.55
C ALA A 57 31.01 -4.80 -13.44
N THR A 58 31.21 -5.50 -12.32
CA THR A 58 30.24 -5.52 -11.22
C THR A 58 30.72 -4.59 -10.10
N GLY A 59 29.85 -3.65 -9.69
CA GLY A 59 30.15 -2.77 -8.59
C GLY A 59 29.83 -3.40 -7.25
N ARG A 60 30.18 -2.69 -6.18
CA ARG A 60 29.95 -3.22 -4.84
C ARG A 60 28.45 -3.27 -4.56
N GLY A 61 28.05 -4.23 -3.73
CA GLY A 61 26.63 -4.40 -3.44
C GLY A 61 26.05 -3.24 -2.66
N GLN A 62 24.79 -2.94 -2.95
CA GLN A 62 24.01 -1.96 -2.20
C GLN A 62 22.79 -2.64 -1.61
N ARG A 63 22.46 -2.27 -0.37
CA ARG A 63 21.36 -2.89 0.36
C ARG A 63 20.04 -2.29 -0.10
N ILE A 64 19.19 -3.11 -0.72
CA ILE A 64 17.88 -2.67 -1.19
C ILE A 64 16.82 -3.27 -0.29
N HIS A 65 15.86 -2.45 0.11
CA HIS A 65 14.66 -2.92 0.77
C HIS A 65 13.54 -2.91 -0.27
N LEU A 66 13.13 -4.10 -0.69
CA LEU A 66 12.13 -4.27 -1.74
C LEU A 66 10.74 -4.42 -1.13
N GLN A 67 9.79 -3.66 -1.65
CA GLN A 67 8.40 -3.74 -1.25
C GLN A 67 7.59 -4.20 -2.46
N LEU A 68 7.08 -5.43 -2.42
CA LEU A 68 6.47 -6.08 -3.58
C LEU A 68 4.96 -6.14 -3.39
N TRP A 69 4.21 -5.41 -4.21
CA TRP A 69 2.77 -5.29 -4.02
C TRP A 69 2.03 -6.28 -4.91
N ASP A 70 0.99 -6.89 -4.37
CA ASP A 70 0.21 -7.92 -5.03
C ASP A 70 -1.21 -7.41 -5.24
N THR A 71 -1.78 -7.68 -6.42
CA THR A 71 -3.07 -7.13 -6.82
C THR A 71 -4.11 -8.22 -7.06
N ALA A 72 -5.37 -7.83 -6.93
CA ALA A 72 -6.49 -8.72 -7.21
C ALA A 72 -6.77 -8.75 -8.71
N GLY A 73 -6.60 -9.92 -9.33
CA GLY A 73 -6.90 -10.08 -10.75
C GLY A 73 -8.38 -10.01 -11.09
N LEU A 74 -9.27 -10.29 -10.13
CA LEU A 74 -10.70 -10.25 -10.43
C LEU A 74 -11.21 -8.82 -10.56
N GLU A 75 -10.57 -7.86 -9.91
CA GLU A 75 -10.84 -6.44 -10.12
C GLU A 75 -9.97 -5.92 -11.27
N ARG A 76 -10.10 -6.55 -12.44
CA ARG A 76 -9.23 -6.22 -13.57
C ARG A 76 -9.42 -4.76 -13.96
N PHE A 77 -8.34 -3.98 -13.84
CA PHE A 77 -8.29 -2.55 -14.17
C PHE A 77 -9.14 -1.70 -13.24
N ARG A 78 -9.43 -2.19 -12.02
CA ARG A 78 -10.40 -1.55 -11.16
C ARG A 78 -10.07 -0.08 -10.92
N SER A 79 -8.92 0.18 -10.29
CA SER A 79 -8.49 1.56 -10.06
C SER A 79 -6.98 1.64 -10.34
N LEU A 80 -6.64 1.64 -11.62
CA LEU A 80 -5.34 2.12 -12.04
C LEU A 80 -5.23 3.62 -11.93
N THR A 81 -6.35 4.30 -11.63
CA THR A 81 -6.41 5.74 -11.56
C THR A 81 -6.24 6.27 -10.13
N THR A 82 -5.59 5.50 -9.26
CA THR A 82 -5.31 5.91 -7.88
C THR A 82 -3.89 6.45 -7.75
N ALA A 83 -3.67 7.22 -6.69
CA ALA A 83 -2.31 7.65 -6.38
C ALA A 83 -1.42 6.46 -5.99
N PHE A 84 -2.01 5.44 -5.38
CA PHE A 84 -1.29 4.20 -5.11
C PHE A 84 -0.62 3.67 -6.37
N PHE A 85 -1.42 3.45 -7.42
CA PHE A 85 -0.90 2.91 -8.67
C PHE A 85 0.19 3.80 -9.27
N ARG A 86 0.06 5.12 -9.12
CA ARG A 86 1.04 6.05 -9.67
C ARG A 86 2.34 6.08 -8.86
N ASP A 87 2.37 5.42 -7.70
CA ASP A 87 3.58 5.32 -6.89
C ASP A 87 4.36 4.04 -7.13
N ALA A 88 3.83 3.11 -7.94
CA ALA A 88 4.61 1.93 -8.31
C ALA A 88 5.77 2.35 -9.21
N MET A 89 6.99 1.98 -8.80
CA MET A 89 8.20 2.30 -9.56
C MET A 89 8.42 1.37 -10.74
N GLY A 90 7.86 0.16 -10.70
CA GLY A 90 7.98 -0.73 -11.82
C GLY A 90 6.95 -1.82 -11.67
N PHE A 91 6.81 -2.60 -12.73
CA PHE A 91 5.72 -3.56 -12.87
C PHE A 91 6.26 -4.91 -13.31
N LEU A 92 5.85 -5.95 -12.60
CA LEU A 92 6.08 -7.33 -12.98
C LEU A 92 4.77 -7.81 -13.59
N LEU A 93 4.72 -7.93 -14.92
CA LEU A 93 3.49 -8.27 -15.61
C LEU A 93 3.52 -9.75 -15.93
N LEU A 94 2.53 -10.48 -15.45
CA LEU A 94 2.49 -11.93 -15.53
C LEU A 94 1.42 -12.38 -16.50
N PHE A 95 1.67 -13.52 -17.17
CA PHE A 95 0.63 -14.32 -17.78
C PHE A 95 0.94 -15.79 -17.48
N ASP A 96 0.01 -16.67 -17.84
CA ASP A 96 0.06 -18.09 -17.53
C ASP A 96 0.36 -18.84 -18.82
N LEU A 97 1.48 -19.56 -18.86
CA LEU A 97 1.86 -20.28 -20.08
C LEU A 97 0.86 -21.36 -20.44
N THR A 98 -0.02 -21.74 -19.53
CA THR A 98 -1.07 -22.71 -19.85
C THR A 98 -2.40 -22.05 -20.20
N ASN A 99 -2.46 -20.72 -20.30
CA ASN A 99 -3.73 -20.02 -20.56
C ASN A 99 -3.50 -18.99 -21.67
N GLU A 100 -3.87 -19.38 -22.90
CA GLU A 100 -3.64 -18.51 -24.05
C GLU A 100 -4.35 -17.16 -23.93
N GLN A 101 -5.54 -17.13 -23.30
CA GLN A 101 -6.26 -15.87 -23.19
C GLN A 101 -5.52 -14.88 -22.30
N SER A 102 -4.91 -15.34 -21.20
CA SER A 102 -4.09 -14.46 -20.38
C SER A 102 -2.92 -13.90 -21.18
N PHE A 103 -2.43 -14.65 -22.17
CA PHE A 103 -1.35 -14.13 -22.99
C PHE A 103 -1.87 -13.14 -24.03
N LEU A 104 -3.00 -13.44 -24.67
CA LEU A 104 -3.61 -12.49 -25.60
C LEU A 104 -3.98 -11.17 -24.93
N ASN A 105 -4.25 -11.18 -23.62
CA ASN A 105 -4.59 -9.97 -22.88
C ASN A 105 -3.38 -9.13 -22.47
N VAL A 106 -2.15 -9.58 -22.74
CA VAL A 106 -0.96 -8.84 -22.31
C VAL A 106 -0.90 -7.47 -22.97
N ARG A 107 -1.26 -7.39 -24.25
CA ARG A 107 -1.23 -6.10 -24.96
C ARG A 107 -2.12 -5.07 -24.28
N ASN A 108 -3.29 -5.50 -23.87
CA ASN A 108 -4.19 -4.56 -23.18
C ASN A 108 -3.60 -4.15 -21.85
N TRP A 109 -3.02 -5.08 -21.12
CA TRP A 109 -2.38 -4.73 -19.86
C TRP A 109 -1.31 -3.66 -20.05
N ILE A 110 -0.42 -3.85 -21.04
CA ILE A 110 0.64 -2.88 -21.30
C ILE A 110 0.04 -1.52 -21.65
N SER A 111 -1.02 -1.54 -22.46
CA SER A 111 -1.69 -0.30 -22.80
C SER A 111 -2.21 0.39 -21.54
N GLN A 112 -2.88 -0.35 -20.66
CA GLN A 112 -3.39 0.26 -19.43
C GLN A 112 -2.28 0.76 -18.53
N LEU A 113 -1.13 0.07 -18.51
CA LEU A 113 0.00 0.51 -17.69
C LEU A 113 0.50 1.87 -18.15
N GLN A 114 0.74 2.01 -19.46
CA GLN A 114 1.32 3.23 -20.00
C GLN A 114 0.40 4.42 -19.86
N MET A 115 -0.91 4.18 -19.82
CA MET A 115 -1.88 5.26 -19.66
C MET A 115 -2.05 5.70 -18.22
N HIS A 116 -1.70 4.87 -17.23
CA HIS A 116 -2.02 5.16 -15.83
C HIS A 116 -0.84 5.21 -14.87
N ALA A 117 0.36 4.81 -15.28
CA ALA A 117 1.49 4.82 -14.37
C ALA A 117 2.06 6.23 -14.22
N TYR A 118 3.09 6.34 -13.36
CA TYR A 118 3.74 7.63 -13.13
C TYR A 118 4.33 8.21 -14.41
N SER A 119 4.67 7.34 -15.37
CA SER A 119 5.34 7.68 -16.60
C SER A 119 4.61 7.00 -17.75
N GLU A 120 4.75 7.57 -18.96
CA GLU A 120 4.17 6.94 -20.15
C GLU A 120 4.92 5.70 -20.59
N ASN A 121 6.16 5.58 -20.16
CA ASN A 121 6.99 4.40 -20.47
C ASN A 121 7.59 3.88 -19.17
N PRO A 122 6.82 3.24 -18.29
CA PRO A 122 7.39 2.67 -17.07
C PRO A 122 8.12 1.36 -17.37
N ASP A 123 8.98 0.99 -16.43
CA ASP A 123 9.76 -0.26 -16.56
C ASP A 123 8.84 -1.45 -16.36
N ILE A 124 8.94 -2.40 -17.28
CA ILE A 124 8.11 -3.59 -17.25
C ILE A 124 8.98 -4.81 -17.47
N VAL A 125 8.70 -5.89 -16.72
CA VAL A 125 9.26 -7.20 -17.02
C VAL A 125 8.10 -8.16 -17.20
N LEU A 126 8.10 -8.86 -18.31
CA LEU A 126 7.05 -9.81 -18.64
C LEU A 126 7.47 -11.20 -18.17
N CYS A 127 6.60 -11.85 -17.40
CA CYS A 127 6.85 -13.21 -16.97
C CYS A 127 5.79 -14.13 -17.52
N GLY A 128 6.24 -15.16 -18.21
CA GLY A 128 5.37 -16.27 -18.54
C GLY A 128 5.49 -17.29 -17.45
N ASN A 129 4.50 -17.37 -16.57
CA ASN A 129 4.59 -18.18 -15.36
C ASN A 129 4.09 -19.60 -15.60
N LYS A 130 4.29 -20.46 -14.59
CA LYS A 130 3.87 -21.87 -14.61
C LYS A 130 4.61 -22.67 -15.66
N SER A 131 5.90 -22.35 -15.88
CA SER A 131 6.67 -23.09 -16.87
C SER A 131 6.89 -24.54 -16.47
N ASP A 132 6.57 -24.89 -15.23
CA ASP A 132 6.77 -26.26 -14.74
C ASP A 132 5.71 -27.23 -15.26
N LEU A 133 4.64 -26.72 -15.89
CA LEU A 133 3.55 -27.54 -16.40
C LEU A 133 3.69 -27.76 -17.91
N GLU A 134 4.68 -28.59 -18.25
CA GLU A 134 5.04 -28.77 -19.66
C GLU A 134 3.89 -29.39 -20.45
N ASP A 135 3.21 -30.38 -19.89
CA ASP A 135 2.10 -31.04 -20.58
C ASP A 135 0.93 -30.10 -20.80
N GLN A 136 0.76 -29.11 -19.93
CA GLN A 136 -0.37 -28.21 -20.06
C GLN A 136 -0.02 -26.96 -20.86
N ARG A 137 1.24 -26.80 -21.27
CA ARG A 137 1.67 -25.57 -21.92
C ARG A 137 0.90 -25.33 -23.22
N VAL A 138 0.46 -24.09 -23.42
CA VAL A 138 -0.19 -23.72 -24.67
C VAL A 138 0.39 -22.47 -25.31
N VAL A 139 1.08 -21.59 -24.59
CA VAL A 139 1.61 -20.37 -25.20
C VAL A 139 2.90 -20.72 -25.93
N LYS A 140 3.01 -20.27 -27.18
CA LYS A 140 4.18 -20.55 -28.01
C LYS A 140 5.32 -19.60 -27.65
N GLU A 141 6.48 -20.17 -27.32
CA GLU A 141 7.57 -19.36 -26.82
C GLU A 141 8.01 -18.30 -27.82
N GLU A 142 8.06 -18.67 -29.10
CA GLU A 142 8.43 -17.73 -30.14
C GLU A 142 7.53 -16.50 -30.13
N GLU A 143 6.23 -16.66 -29.85
CA GLU A 143 5.32 -15.52 -29.88
C GLU A 143 5.45 -14.63 -28.65
N ALA A 144 5.68 -15.22 -27.48
CA ALA A 144 5.97 -14.41 -26.30
C ALA A 144 7.23 -13.58 -26.51
N ILE A 145 8.27 -14.20 -27.07
CA ILE A 145 9.52 -13.48 -27.33
C ILE A 145 9.32 -12.39 -28.37
N ALA A 146 8.59 -12.68 -29.45
CA ALA A 146 8.30 -11.63 -30.43
C ALA A 146 7.56 -10.47 -29.79
N LEU A 147 6.58 -10.76 -28.94
CA LEU A 147 5.82 -9.70 -28.30
C LEU A 147 6.71 -8.85 -27.41
N ALA A 148 7.59 -9.50 -26.63
CA ALA A 148 8.51 -8.76 -25.77
C ALA A 148 9.40 -7.82 -26.57
N GLU A 149 9.94 -8.32 -27.68
CA GLU A 149 10.81 -7.50 -28.54
C GLU A 149 10.09 -6.27 -29.05
N LYS A 150 8.81 -6.43 -29.41
CA LYS A 150 8.04 -5.33 -29.97
C LYS A 150 7.93 -4.17 -28.98
N TYR A 151 7.65 -4.47 -27.71
CA TYR A 151 7.54 -3.41 -26.71
C TYR A 151 8.87 -3.08 -26.04
N GLY A 152 9.92 -3.87 -26.28
CA GLY A 152 11.22 -3.59 -25.71
C GLY A 152 11.34 -3.90 -24.23
N ILE A 153 10.83 -5.04 -23.79
CA ILE A 153 10.79 -5.35 -22.36
C ILE A 153 11.36 -6.75 -22.18
N PRO A 154 12.08 -6.99 -21.09
CA PRO A 154 12.62 -8.33 -20.83
C PRO A 154 11.52 -9.35 -20.63
N TYR A 155 11.82 -10.59 -21.04
CA TYR A 155 10.86 -11.68 -20.88
C TYR A 155 11.53 -12.85 -20.20
N PHE A 156 10.87 -13.39 -19.19
CA PHE A 156 11.35 -14.57 -18.49
C PHE A 156 10.22 -15.58 -18.41
N GLU A 157 10.54 -16.85 -18.61
CA GLU A 157 9.58 -17.91 -18.32
C GLU A 157 9.91 -18.42 -16.93
N THR A 158 8.96 -18.27 -16.01
CA THR A 158 9.17 -18.51 -14.59
C THR A 158 8.28 -19.65 -14.10
N SER A 159 8.65 -20.19 -12.94
CA SER A 159 7.81 -21.08 -12.14
C SER A 159 7.77 -20.63 -10.70
N ALA A 160 6.58 -20.30 -10.20
CA ALA A 160 6.41 -20.04 -8.78
C ALA A 160 6.58 -21.32 -7.96
N ALA A 161 6.32 -22.47 -8.60
CA ALA A 161 6.36 -23.74 -7.88
C ALA A 161 7.78 -24.14 -7.56
N ASN A 162 8.63 -24.24 -8.58
CA ASN A 162 10.01 -24.66 -8.36
C ASN A 162 10.99 -23.50 -8.33
N GLY A 163 10.54 -22.25 -8.49
CA GLY A 163 11.41 -21.09 -8.34
C GLY A 163 12.18 -20.65 -9.58
N THR A 164 12.09 -21.37 -10.70
CA THR A 164 12.91 -21.07 -11.88
C THR A 164 12.67 -19.65 -12.39
N ASN A 165 13.74 -18.87 -12.51
CA ASN A 165 13.79 -17.51 -13.08
C ASN A 165 13.05 -16.45 -12.28
N ILE A 166 12.60 -16.76 -11.06
CA ILE A 166 11.88 -15.79 -10.23
C ILE A 166 12.81 -14.70 -9.75
N SER A 167 13.97 -15.08 -9.20
CA SER A 167 14.95 -14.09 -8.77
C SER A 167 15.44 -13.28 -9.94
N GLN A 168 15.75 -13.96 -11.05
CA GLN A 168 16.25 -13.28 -12.24
C GLN A 168 15.27 -12.21 -12.73
N ALA A 169 13.99 -12.57 -12.85
CA ALA A 169 13.02 -11.61 -13.36
C ALA A 169 12.86 -10.40 -12.44
N ILE A 170 12.75 -10.64 -11.13
CA ILE A 170 12.67 -9.52 -10.19
C ILE A 170 13.97 -8.72 -10.18
N GLU A 171 15.12 -9.41 -10.25
CA GLU A 171 16.40 -8.69 -10.25
C GLU A 171 16.57 -7.82 -11.50
N MET A 172 16.08 -8.29 -12.64
CA MET A 172 16.14 -7.49 -13.85
C MET A 172 15.30 -6.22 -13.70
N LEU A 173 14.09 -6.37 -13.12
CA LEU A 173 13.24 -5.20 -12.86
C LEU A 173 13.93 -4.23 -11.92
N LEU A 174 14.53 -4.75 -10.85
CA LEU A 174 15.31 -3.91 -9.96
C LEU A 174 16.42 -3.20 -10.72
N ASP A 175 17.12 -3.93 -11.60
CA ASP A 175 18.18 -3.31 -12.37
C ASP A 175 17.68 -2.15 -13.22
N LEU A 176 16.48 -2.30 -13.83
CA LEU A 176 15.96 -1.22 -14.64
C LEU A 176 15.69 0.02 -13.81
N ILE A 177 15.19 -0.17 -12.58
CA ILE A 177 14.84 0.97 -11.74
C ILE A 177 16.11 1.65 -11.23
N MET A 178 17.04 0.86 -10.66
CA MET A 178 18.29 1.43 -10.15
C MET A 178 19.01 2.20 -11.24
N LYS A 179 19.03 1.67 -12.47
N LYS A 179 19.04 1.66 -12.46
CA LYS A 179 19.69 2.34 -13.58
CA LYS A 179 19.68 2.36 -13.58
C LYS A 179 18.96 3.60 -14.04
C LYS A 179 18.98 3.68 -13.86
N ARG A 180 17.66 3.70 -13.75
CA ARG A 180 16.87 4.84 -14.19
C ARG A 180 16.79 5.96 -13.17
N MET A 181 16.85 5.66 -11.88
CA MET A 181 16.54 6.69 -10.90
C MET A 181 17.61 7.77 -10.84
N GLU A 182 17.21 8.93 -10.33
CA GLU A 182 18.14 9.98 -9.98
C GLU A 182 18.53 9.84 -8.52
N ARG A 183 19.83 9.97 -8.24
CA ARG A 183 20.38 9.96 -6.89
C ARG A 183 20.86 11.35 -6.52
N SER A 184 21.06 11.57 -5.23
CA SER A 184 21.46 12.91 -4.74
C SER A 184 22.76 13.42 -5.38
N ASP B 1 -4.07 18.89 -9.79
CA ASP B 1 -5.25 18.25 -9.21
C ASP B 1 -5.24 18.27 -7.67
N TYR B 2 -4.08 17.99 -7.07
CA TYR B 2 -3.95 18.00 -5.62
C TYR B 2 -2.63 18.64 -5.21
N ASP B 3 -2.64 19.22 -4.00
CA ASP B 3 -1.47 19.90 -3.45
C ASP B 3 -0.68 19.04 -2.47
N TYR B 4 -1.30 18.02 -1.87
CA TYR B 4 -0.63 17.16 -0.90
C TYR B 4 -1.22 15.77 -0.96
N LEU B 5 -0.36 14.77 -1.05
CA LEU B 5 -0.76 13.38 -0.86
C LEU B 5 -0.47 13.00 0.58
N ILE B 6 -1.52 12.67 1.34
CA ILE B 6 -1.43 12.42 2.76
C ILE B 6 -1.91 10.99 3.00
N LYS B 7 -1.13 10.22 3.75
CA LYS B 7 -1.41 8.80 3.98
C LYS B 7 -1.66 8.58 5.46
N PHE B 8 -2.80 8.00 5.79
CA PHE B 8 -3.21 7.66 7.14
C PHE B 8 -3.47 6.17 7.23
N LEU B 9 -3.38 5.65 8.45
CA LEU B 9 -3.56 4.23 8.71
C LEU B 9 -4.58 4.06 9.84
N ALA B 10 -5.63 3.25 9.59
CA ALA B 10 -6.59 2.91 10.64
C ALA B 10 -6.14 1.65 11.36
N LEU B 11 -6.28 1.63 12.69
CA LEU B 11 -5.82 0.52 13.51
C LEU B 11 -6.86 0.16 14.55
N GLY B 12 -6.68 -1.01 15.17
CA GLY B 12 -7.56 -1.46 16.23
C GLY B 12 -7.95 -2.91 16.09
N ASP B 13 -8.50 -3.49 17.15
CA ASP B 13 -8.91 -4.88 17.16
C ASP B 13 -9.81 -5.21 15.98
N SER B 14 -9.79 -6.48 15.59
CA SER B 14 -10.77 -6.98 14.64
C SER B 14 -12.17 -6.71 15.17
N GLY B 15 -13.05 -6.30 14.27
CA GLY B 15 -14.44 -6.09 14.61
C GLY B 15 -14.83 -4.69 15.04
N VAL B 16 -13.86 -3.81 15.32
CA VAL B 16 -14.22 -2.49 15.85
C VAL B 16 -14.82 -1.57 14.79
N GLY B 17 -14.55 -1.80 13.50
CA GLY B 17 -15.18 -1.08 12.41
C GLY B 17 -14.26 -0.26 11.53
N LYS B 18 -12.99 -0.66 11.43
CA LYS B 18 -12.03 0.10 10.62
C LYS B 18 -12.50 0.17 9.16
N THR B 19 -12.80 -0.98 8.55
CA THR B 19 -13.20 -0.98 7.15
C THR B 19 -14.43 -0.12 6.94
N SER B 20 -15.40 -0.22 7.86
CA SER B 20 -16.66 0.47 7.72
C SER B 20 -16.48 1.98 7.87
N VAL B 21 -15.56 2.39 8.76
CA VAL B 21 -15.33 3.83 8.97
C VAL B 21 -14.74 4.47 7.73
N LEU B 22 -13.75 3.82 7.09
CA LEU B 22 -13.21 4.35 5.85
C LEU B 22 -14.25 4.34 4.74
N TYR B 23 -15.04 3.27 4.65
CA TYR B 23 -16.00 3.17 3.55
C TYR B 23 -17.10 4.22 3.68
N GLN B 24 -17.63 4.43 4.89
CA GLN B 24 -18.61 5.48 5.10
C GLN B 24 -18.01 6.85 4.79
N TYR B 25 -16.74 7.02 5.09
CA TYR B 25 -16.13 8.34 4.87
C TYR B 25 -15.93 8.62 3.38
N THR B 26 -15.39 7.65 2.63
CA THR B 26 -15.11 7.92 1.23
C THR B 26 -16.36 7.82 0.36
N ASP B 27 -17.27 6.88 0.68
CA ASP B 27 -18.42 6.61 -0.18
C ASP B 27 -19.78 6.88 0.44
N GLY B 28 -19.87 7.17 1.74
CA GLY B 28 -21.18 7.37 2.34
C GLY B 28 -22.04 6.13 2.35
N LYS B 29 -21.44 4.95 2.40
CA LYS B 29 -22.15 3.68 2.35
C LYS B 29 -21.72 2.83 3.52
N PHE B 30 -22.54 1.82 3.85
CA PHE B 30 -22.25 1.00 5.03
C PHE B 30 -22.91 -0.35 4.84
N ASN B 31 -22.19 -1.41 5.20
CA ASN B 31 -22.68 -2.78 5.06
C ASN B 31 -22.75 -3.42 6.43
N SER B 32 -23.86 -4.11 6.71
CA SER B 32 -24.07 -4.74 8.01
C SER B 32 -23.22 -5.99 8.20
N LYS B 33 -22.92 -6.70 7.12
CA LYS B 33 -22.36 -8.04 7.26
C LYS B 33 -20.84 -7.95 7.41
N PHE B 34 -20.32 -8.65 8.42
CA PHE B 34 -18.92 -8.61 8.75
C PHE B 34 -18.12 -9.49 7.80
N ILE B 35 -17.17 -8.90 7.10
CA ILE B 35 -16.21 -9.63 6.29
C ILE B 35 -14.83 -9.17 6.70
N THR B 36 -14.10 -10.01 7.42
CA THR B 36 -12.80 -9.60 7.95
C THR B 36 -11.81 -9.28 6.83
N THR B 37 -11.03 -8.22 7.05
CA THR B 37 -10.05 -7.80 6.06
C THR B 37 -8.87 -8.76 6.08
N VAL B 38 -8.48 -9.27 4.91
CA VAL B 38 -7.27 -10.06 4.80
C VAL B 38 -6.19 -9.21 4.16
N GLY B 39 -4.98 -9.34 4.67
CA GLY B 39 -3.90 -8.51 4.16
C GLY B 39 -4.15 -7.07 4.51
N ILE B 40 -4.29 -6.22 3.48
CA ILE B 40 -4.40 -4.79 3.68
C ILE B 40 -5.31 -4.25 2.59
N ASP B 41 -5.81 -3.04 2.79
CA ASP B 41 -6.61 -2.38 1.76
C ASP B 41 -6.55 -0.88 2.01
N PHE B 42 -7.04 -0.13 1.02
CA PHE B 42 -6.96 1.31 1.08
C PHE B 42 -8.12 1.92 0.31
N ARG B 43 -8.36 3.20 0.60
CA ARG B 43 -9.32 4.02 -0.11
C ARG B 43 -8.73 5.41 -0.22
N GLU B 44 -9.27 6.22 -1.13
CA GLU B 44 -8.71 7.51 -1.41
C GLU B 44 -9.84 8.52 -1.55
N LYS B 45 -9.57 9.76 -1.15
CA LYS B 45 -10.56 10.81 -1.29
C LYS B 45 -9.85 12.14 -1.48
N ARG B 46 -10.34 12.92 -2.43
CA ARG B 46 -9.85 14.27 -2.64
C ARG B 46 -10.70 15.21 -1.79
N VAL B 47 -10.08 15.93 -0.87
CA VAL B 47 -10.74 16.85 0.03
C VAL B 47 -10.07 18.21 -0.09
N VAL B 48 -10.73 19.22 0.48
CA VAL B 48 -10.17 20.56 0.58
C VAL B 48 -9.91 20.85 2.04
N TYR B 49 -8.69 21.25 2.36
CA TYR B 49 -8.26 21.58 3.70
C TYR B 49 -8.10 23.09 3.81
N ARG B 50 -8.91 23.70 4.67
CA ARG B 50 -8.77 25.12 4.98
C ARG B 50 -8.15 25.22 6.37
N ALA B 51 -7.05 25.96 6.46
CA ALA B 51 -6.22 25.95 7.66
C ALA B 51 -6.92 26.63 8.84
N SER B 52 -6.48 26.26 10.04
CA SER B 52 -6.88 26.95 11.27
C SER B 52 -6.23 28.34 11.28
N GLY B 53 -7.04 29.36 11.00
CA GLY B 53 -6.55 30.71 10.93
C GLY B 53 -6.39 31.35 12.29
N PRO B 54 -5.28 32.06 12.50
CA PRO B 54 -5.12 32.83 13.73
C PRO B 54 -5.82 34.18 13.63
N ASP B 55 -6.53 34.55 14.70
CA ASP B 55 -7.39 35.72 14.74
C ASP B 55 -8.60 35.59 13.81
N GLY B 56 -8.62 34.56 12.97
CA GLY B 56 -9.76 34.29 12.11
C GLY B 56 -9.55 34.59 10.64
N ALA B 57 -8.43 34.16 10.08
CA ALA B 57 -8.12 34.41 8.67
C ALA B 57 -7.96 33.09 7.91
N GLY B 59 -10.31 30.82 3.02
CA GLY B 59 -8.97 31.36 2.91
C GLY B 59 -7.86 30.30 2.99
N ARG B 60 -7.04 30.26 1.94
CA ARG B 60 -5.91 29.33 1.85
C ARG B 60 -6.39 27.88 2.01
N GLY B 61 -7.12 27.44 0.98
CA GLY B 61 -7.61 26.08 0.93
C GLY B 61 -6.78 25.25 -0.03
N GLN B 62 -6.17 24.18 0.50
CA GLN B 62 -5.30 23.32 -0.28
C GLN B 62 -5.99 22.02 -0.65
N ARG B 63 -5.79 21.60 -1.90
CA ARG B 63 -6.33 20.34 -2.36
C ARG B 63 -5.50 19.20 -1.78
N ILE B 64 -6.15 18.34 -1.00
CA ILE B 64 -5.48 17.21 -0.36
C ILE B 64 -5.95 15.96 -1.06
N HIS B 65 -5.01 15.09 -1.41
CA HIS B 65 -5.34 13.73 -1.83
C HIS B 65 -5.09 12.83 -0.64
N LEU B 66 -6.18 12.40 0.00
CA LEU B 66 -6.13 11.53 1.17
C LEU B 66 -6.07 10.07 0.76
N GLN B 67 -5.18 9.32 1.39
CA GLN B 67 -5.04 7.88 1.12
C GLN B 67 -5.16 7.17 2.45
N LEU B 68 -6.22 6.39 2.61
CA LEU B 68 -6.61 5.88 3.92
C LEU B 68 -6.42 4.38 3.92
N TRP B 69 -5.46 3.90 4.70
CA TRP B 69 -5.11 2.50 4.69
C TRP B 69 -5.87 1.74 5.79
N ASP B 70 -6.36 0.57 5.41
CA ASP B 70 -7.13 -0.30 6.27
C ASP B 70 -6.29 -1.54 6.60
N THR B 71 -6.19 -1.86 7.88
CA THR B 71 -5.39 -2.99 8.34
C THR B 71 -6.26 -4.20 8.69
N ALA B 72 -5.65 -5.38 8.59
CA ALA B 72 -6.28 -6.62 9.08
C ALA B 72 -6.13 -6.70 10.60
N GLY B 73 -7.25 -6.62 11.32
CA GLY B 73 -7.21 -6.68 12.77
C GLY B 73 -6.75 -8.03 13.31
N LEU B 74 -7.00 -9.11 12.56
CA LEU B 74 -6.59 -10.44 12.99
C LEU B 74 -5.08 -10.65 12.84
N GLU B 75 -4.44 -9.96 11.89
CA GLU B 75 -2.97 -9.98 11.85
C GLU B 75 -2.36 -9.34 13.10
N ARG B 76 -3.15 -8.59 13.87
CA ARG B 76 -2.72 -8.00 15.13
C ARG B 76 -1.43 -7.20 14.95
N PHE B 77 -0.51 -7.30 15.91
CA PHE B 77 0.80 -6.66 15.80
C PHE B 77 1.73 -7.60 15.04
N ARG B 78 1.74 -7.44 13.71
CA ARG B 78 2.66 -8.21 12.85
C ARG B 78 3.35 -7.29 11.85
N SER B 79 2.57 -6.60 11.01
CA SER B 79 3.12 -5.65 10.04
C SER B 79 3.56 -4.32 10.69
N LEU B 80 3.76 -4.29 12.01
CA LEU B 80 4.40 -3.14 12.63
C LEU B 80 5.87 -3.07 12.27
N THR B 81 6.43 -4.19 11.83
CA THR B 81 7.85 -4.34 11.53
C THR B 81 8.28 -3.60 10.26
N THR B 82 7.33 -3.12 9.47
CA THR B 82 7.59 -2.85 8.06
C THR B 82 7.94 -1.39 7.79
N ALA B 83 8.74 -1.19 6.75
CA ALA B 83 8.96 0.13 6.20
C ALA B 83 7.64 0.78 5.82
N PHE B 84 6.69 -0.02 5.33
CA PHE B 84 5.35 0.48 5.06
C PHE B 84 4.79 1.25 6.25
N PHE B 85 4.85 0.62 7.43
CA PHE B 85 4.27 1.23 8.61
C PHE B 85 4.96 2.54 8.96
N ARG B 86 6.28 2.58 8.83
CA ARG B 86 7.01 3.81 9.16
C ARG B 86 6.80 4.91 8.12
N ASP B 87 6.02 4.65 7.07
CA ASP B 87 5.63 5.64 6.07
C ASP B 87 4.27 6.24 6.35
N ALA B 88 3.58 5.76 7.38
CA ALA B 88 2.27 6.30 7.75
C ALA B 88 2.45 7.60 8.51
N MET B 89 1.71 8.62 8.08
CA MET B 89 1.87 9.97 8.63
C MET B 89 1.01 10.23 9.85
N GLY B 90 0.02 9.40 10.10
CA GLY B 90 -0.92 9.63 11.19
C GLY B 90 -1.77 8.40 11.35
N PHE B 91 -2.34 8.27 12.56
CA PHE B 91 -3.01 7.03 12.95
C PHE B 91 -4.41 7.33 13.45
N LEU B 92 -5.37 6.62 12.90
CA LEU B 92 -6.75 6.64 13.35
C LEU B 92 -6.94 5.37 14.16
N LEU B 93 -6.93 5.51 15.49
CA LEU B 93 -6.95 4.37 16.39
C LEU B 93 -8.38 4.20 16.90
N LEU B 94 -8.99 3.05 16.57
CA LEU B 94 -10.38 2.77 16.84
C LEU B 94 -10.53 1.71 17.92
N PHE B 95 -11.57 1.87 18.73
CA PHE B 95 -12.10 0.77 19.52
C PHE B 95 -13.62 0.74 19.31
N ASP B 96 -14.23 -0.28 19.90
CA ASP B 96 -15.66 -0.53 19.79
C ASP B 96 -16.31 -0.10 21.11
N LEU B 97 -17.20 0.89 21.04
CA LEU B 97 -17.91 1.36 22.23
C LEU B 97 -18.69 0.24 22.92
N THR B 98 -19.04 -0.80 22.16
CA THR B 98 -19.79 -1.95 22.68
C THR B 98 -18.89 -3.10 23.10
N ASN B 99 -17.57 -2.93 23.08
CA ASN B 99 -16.64 -4.02 23.42
C ASN B 99 -15.57 -3.49 24.37
N GLU B 100 -15.73 -3.79 25.66
CA GLU B 100 -14.77 -3.32 26.66
C GLU B 100 -13.35 -3.80 26.36
N GLN B 101 -13.22 -5.04 25.87
CA GLN B 101 -11.89 -5.60 25.63
C GLN B 101 -11.14 -4.80 24.58
N SER B 102 -11.84 -4.35 23.54
CA SER B 102 -11.20 -3.54 22.50
C SER B 102 -10.74 -2.21 23.06
N PHE B 103 -11.46 -1.68 24.06
CA PHE B 103 -11.04 -0.46 24.75
C PHE B 103 -9.85 -0.74 25.65
N LEU B 104 -9.90 -1.83 26.43
CA LEU B 104 -8.76 -2.20 27.28
C LEU B 104 -7.48 -2.39 26.48
N ASN B 105 -7.58 -2.78 25.21
CA ASN B 105 -6.41 -2.99 24.36
C ASN B 105 -5.84 -1.69 23.78
N VAL B 106 -6.46 -0.53 24.04
CA VAL B 106 -6.02 0.73 23.45
C VAL B 106 -4.65 1.14 23.97
N ARG B 107 -4.39 0.92 25.26
CA ARG B 107 -3.09 1.22 25.84
C ARG B 107 -1.96 0.55 25.06
N ASN B 108 -2.08 -0.75 24.80
CA ASN B 108 -0.99 -1.43 24.14
C ASN B 108 -0.88 -1.05 22.66
N TRP B 109 -2.02 -0.76 22.00
CA TRP B 109 -1.93 -0.23 20.64
C TRP B 109 -1.11 1.05 20.61
N ILE B 110 -1.34 1.97 21.55
CA ILE B 110 -0.61 3.24 21.53
C ILE B 110 0.88 3.00 21.78
N SER B 111 1.20 2.18 22.79
CA SER B 111 2.56 1.75 23.04
C SER B 111 3.21 1.16 21.79
N GLN B 112 2.53 0.22 21.14
CA GLN B 112 3.07 -0.36 19.90
C GLN B 112 3.28 0.72 18.86
N LEU B 113 2.39 1.72 18.81
CA LEU B 113 2.47 2.76 17.79
C LEU B 113 3.69 3.64 18.00
N GLN B 114 3.87 4.12 19.22
CA GLN B 114 5.01 4.94 19.57
C GLN B 114 6.34 4.20 19.39
N MET B 115 6.33 2.87 19.47
CA MET B 115 7.56 2.09 19.34
C MET B 115 7.97 1.87 17.89
N HIS B 116 7.03 1.91 16.94
CA HIS B 116 7.32 1.53 15.57
C HIS B 116 7.08 2.61 14.53
N ALA B 117 6.43 3.72 14.87
CA ALA B 117 6.12 4.74 13.87
C ALA B 117 7.38 5.52 13.49
N TYR B 118 7.20 6.47 12.55
CA TYR B 118 8.29 7.36 12.15
C TYR B 118 8.70 8.29 13.28
N SER B 119 7.84 8.44 14.28
CA SER B 119 8.04 9.29 15.45
C SER B 119 7.63 8.50 16.68
N GLU B 120 8.29 8.79 17.80
CA GLU B 120 7.86 8.19 19.06
C GLU B 120 6.58 8.83 19.56
N ASN B 121 6.25 10.02 19.07
CA ASN B 121 4.97 10.68 19.34
C ASN B 121 4.32 11.02 18.01
N PRO B 122 3.76 10.04 17.32
CA PRO B 122 2.98 10.34 16.12
C PRO B 122 1.59 10.84 16.48
N ASP B 123 1.01 11.57 15.54
CA ASP B 123 -0.37 12.00 15.68
C ASP B 123 -1.31 10.81 15.68
N ILE B 124 -2.19 10.78 16.66
CA ILE B 124 -3.22 9.77 16.80
C ILE B 124 -4.52 10.50 17.10
N VAL B 125 -5.60 10.02 16.49
CA VAL B 125 -6.97 10.41 16.85
C VAL B 125 -7.70 9.14 17.29
N LEU B 126 -8.27 9.19 18.49
CA LEU B 126 -8.89 8.02 19.09
C LEU B 126 -10.38 8.04 18.77
N CYS B 127 -10.92 6.94 18.25
CA CYS B 127 -12.32 6.89 17.86
C CYS B 127 -13.04 5.79 18.63
N GLY B 128 -14.14 6.15 19.29
CA GLY B 128 -15.00 5.18 19.92
C GLY B 128 -16.11 4.92 18.94
N ASN B 129 -16.00 3.86 18.17
CA ASN B 129 -16.92 3.62 17.07
C ASN B 129 -18.17 2.85 17.55
N LYS B 130 -19.20 2.85 16.71
CA LYS B 130 -20.51 2.21 16.95
C LYS B 130 -21.36 2.99 17.95
N SER B 131 -21.14 4.30 18.05
CA SER B 131 -21.99 5.14 18.90
C SER B 131 -23.48 5.01 18.59
N ASP B 132 -23.85 4.51 17.40
CA ASP B 132 -25.26 4.33 17.07
C ASP B 132 -25.92 3.16 17.81
N LEU B 133 -25.14 2.31 18.48
CA LEU B 133 -25.69 1.17 19.22
C LEU B 133 -25.72 1.48 20.71
N GLU B 134 -26.51 2.50 21.06
CA GLU B 134 -26.50 3.01 22.42
C GLU B 134 -26.96 1.96 23.42
N ASP B 135 -27.94 1.15 23.03
CA ASP B 135 -28.46 0.10 23.90
C ASP B 135 -27.43 -0.98 24.21
N GLN B 136 -26.40 -1.13 23.39
CA GLN B 136 -25.36 -2.12 23.62
C GLN B 136 -24.05 -1.48 24.11
N ARG B 137 -24.06 -0.17 24.35
CA ARG B 137 -22.86 0.51 24.81
C ARG B 137 -22.37 -0.06 26.13
N VAL B 138 -21.03 -0.15 26.29
CA VAL B 138 -20.48 -0.60 27.57
C VAL B 138 -19.30 0.25 28.02
N VAL B 139 -18.75 1.09 27.15
CA VAL B 139 -17.59 1.91 27.49
C VAL B 139 -18.09 3.30 27.91
N LYS B 140 -17.77 3.70 29.15
CA LYS B 140 -18.29 4.96 29.66
C LYS B 140 -17.48 6.12 29.10
N GLU B 141 -18.19 7.18 28.68
CA GLU B 141 -17.55 8.30 27.98
C GLU B 141 -16.45 8.92 28.82
N GLU B 142 -16.68 9.05 30.13
CA GLU B 142 -15.69 9.65 31.02
C GLU B 142 -14.37 8.86 31.04
N GLU B 143 -14.46 7.53 31.08
CA GLU B 143 -13.24 6.71 31.03
C GLU B 143 -12.51 6.92 29.70
N ALA B 144 -13.25 6.90 28.59
CA ALA B 144 -12.60 7.11 27.30
C ALA B 144 -11.99 8.49 27.21
N ILE B 145 -12.70 9.50 27.72
CA ILE B 145 -12.19 10.87 27.66
C ILE B 145 -10.96 11.02 28.54
N ALA B 146 -10.95 10.36 29.70
CA ALA B 146 -9.80 10.41 30.60
C ALA B 146 -8.58 9.79 29.93
N LEU B 147 -8.76 8.63 29.30
CA LEU B 147 -7.65 7.96 28.62
C LEU B 147 -7.06 8.84 27.53
N ALA B 148 -7.92 9.47 26.72
CA ALA B 148 -7.40 10.37 25.69
C ALA B 148 -6.65 11.54 26.30
N GLU B 149 -7.17 12.10 27.40
CA GLU B 149 -6.50 13.22 28.06
C GLU B 149 -5.14 12.83 28.60
N LYS B 150 -5.02 11.63 29.18
CA LYS B 150 -3.72 11.18 29.69
C LYS B 150 -2.66 11.16 28.60
N TYR B 151 -3.04 10.78 27.38
CA TYR B 151 -2.09 10.70 26.28
C TYR B 151 -2.03 11.95 25.43
N GLY B 152 -2.97 12.89 25.62
CA GLY B 152 -2.97 14.10 24.82
C GLY B 152 -3.45 13.95 23.39
N ILE B 153 -4.36 13.03 23.12
CA ILE B 153 -4.82 12.84 21.74
C ILE B 153 -6.30 13.13 21.65
N PRO B 154 -6.79 13.61 20.51
CA PRO B 154 -8.23 13.88 20.38
C PRO B 154 -9.04 12.60 20.44
N TYR B 155 -10.28 12.75 20.91
CA TYR B 155 -11.21 11.64 21.04
C TYR B 155 -12.53 12.03 20.40
N PHE B 156 -13.06 11.12 19.59
CA PHE B 156 -14.36 11.29 18.95
C PHE B 156 -15.15 10.01 19.10
N GLU B 157 -16.44 10.15 19.31
CA GLU B 157 -17.34 9.02 19.25
C GLU B 157 -18.01 9.07 17.89
N THR B 158 -17.86 7.99 17.12
CA THR B 158 -18.24 7.95 15.72
C THR B 158 -19.23 6.82 15.49
N SER B 159 -19.91 6.88 14.35
CA SER B 159 -20.70 5.75 13.84
C SER B 159 -20.46 5.59 12.34
N ALA B 160 -19.88 4.46 11.94
CA ALA B 160 -19.76 4.15 10.52
C ALA B 160 -21.11 3.88 9.90
N ALA B 161 -22.13 3.57 10.70
CA ALA B 161 -23.44 3.26 10.14
C ALA B 161 -24.11 4.53 9.63
N ASN B 162 -24.11 5.59 10.43
CA ASN B 162 -24.81 6.79 10.02
C ASN B 162 -23.90 7.98 9.77
N GLY B 163 -22.57 7.80 9.92
CA GLY B 163 -21.61 8.83 9.61
C GLY B 163 -21.26 9.81 10.71
N THR B 164 -21.91 9.71 11.88
CA THR B 164 -21.73 10.72 12.93
C THR B 164 -20.26 10.81 13.33
N ASN B 165 -19.69 12.00 13.16
CA ASN B 165 -18.34 12.41 13.57
C ASN B 165 -17.21 11.78 12.76
N ILE B 166 -17.50 11.01 11.70
CA ILE B 166 -16.42 10.40 10.91
C ILE B 166 -15.56 11.47 10.27
N SER B 167 -16.19 12.41 9.57
CA SER B 167 -15.43 13.45 8.89
C SER B 167 -14.71 14.36 9.88
N GLN B 168 -15.36 14.68 10.99
CA GLN B 168 -14.72 15.50 12.01
C GLN B 168 -13.43 14.84 12.52
N ALA B 169 -13.49 13.54 12.82
CA ALA B 169 -12.31 12.84 13.32
C ALA B 169 -11.18 12.80 12.28
N ILE B 170 -11.52 12.50 11.02
CA ILE B 170 -10.49 12.44 9.98
C ILE B 170 -9.89 13.82 9.70
N GLU B 171 -10.74 14.86 9.61
CA GLU B 171 -10.24 16.23 9.42
C GLU B 171 -9.37 16.70 10.59
N MET B 172 -9.66 16.22 11.80
CA MET B 172 -8.80 16.53 12.95
C MET B 172 -7.41 15.92 12.79
N LEU B 173 -7.34 14.66 12.34
CA LEU B 173 -6.05 14.06 12.05
C LEU B 173 -5.33 14.80 10.92
N LEU B 174 -6.05 15.09 9.84
CA LEU B 174 -5.49 15.87 8.75
C LEU B 174 -4.90 17.18 9.26
N ASP B 175 -5.62 17.86 10.15
CA ASP B 175 -5.15 19.13 10.66
C ASP B 175 -3.84 18.98 11.45
N LEU B 176 -3.73 17.95 12.29
CA LEU B 176 -2.51 17.75 13.05
C LEU B 176 -1.32 17.59 12.12
N ILE B 177 -1.47 16.77 11.08
CA ILE B 177 -0.37 16.51 10.15
C ILE B 177 -0.02 17.76 9.35
N MET B 178 -1.03 18.50 8.87
CA MET B 178 -0.76 19.69 8.06
C MET B 178 -0.05 20.78 8.85
N LYS B 179 -0.18 20.78 10.17
CA LYS B 179 0.50 21.74 11.01
C LYS B 179 1.88 21.27 11.46
N ARG B 180 2.11 19.96 11.47
CA ARG B 180 3.39 19.39 11.86
C ARG B 180 4.38 19.30 10.70
N MET B 181 3.88 19.23 9.47
CA MET B 181 4.73 19.00 8.32
C MET B 181 5.54 20.25 8.01
N GLU B 182 6.73 20.03 7.42
CA GLU B 182 7.66 21.09 7.07
C GLU B 182 7.37 21.61 5.68
N ARG B 183 7.53 22.93 5.51
CA ARG B 183 7.20 23.66 4.29
C ARG B 183 5.73 23.40 3.96
N SER B 184 4.85 24.24 4.49
CA SER B 184 3.41 24.17 4.24
C SER B 184 2.83 25.58 4.09
N LEU C 1 7.45 15.09 6.60
CA LEU C 1 6.99 15.04 7.96
C LEU C 1 8.26 14.46 8.58
N VAL C 2 9.12 15.36 9.42
CA VAL C 2 10.35 14.84 10.01
C VAL C 2 10.07 14.08 11.32
N GLY C 3 10.54 12.67 11.49
CA GLY C 3 10.26 11.96 12.81
C GLY C 3 11.57 11.54 13.50
N SER C 4 11.66 11.08 14.91
CA SER C 4 12.96 10.74 15.39
C SER C 4 13.50 9.45 14.69
N ARG C 5 12.59 8.39 14.22
CA ARG C 5 13.20 7.20 13.62
C ARG C 5 13.18 7.34 12.09
N HIS C 6 12.18 8.17 11.42
CA HIS C 6 12.26 8.19 9.94
C HIS C 6 11.67 9.52 9.41
N THR C 7 12.08 9.97 8.05
CA THR C 7 11.48 11.19 7.56
C THR C 7 10.54 10.80 6.39
N ILE C 8 9.12 11.24 6.49
CA ILE C 8 8.23 10.88 5.43
C ILE C 8 8.23 12.02 4.36
N ALA C 9 8.42 11.57 2.92
CA ALA C 9 8.41 12.55 1.86
C ALA C 9 6.89 12.84 1.65
N ILE C 10 6.41 14.26 1.54
CA ILE C 10 4.98 14.40 1.32
C ILE C 10 4.95 14.86 -0.13
N ASN C 11 4.21 14.07 -1.12
CA ASN C 11 4.22 14.49 -2.49
C ASN C 11 3.39 15.77 -2.70
C1 XAK C 12 2.97 17.96 -3.86
C6 XAK C 12 1.28 17.39 -7.43
C4 XAK C 12 4.21 19.24 -0.56
C3 XAK C 12 2.33 18.13 -5.25
C2 XAK C 12 3.80 19.20 -3.58
N XAK C 12 3.79 16.75 -3.72
C XAK C 12 5.40 19.64 0.43
O XAK C 12 5.47 20.72 0.91
N5 XAK C 12 1.87 17.01 -6.13
O4 XAK C 12 2.18 19.23 -5.64
S3 XAK C 12 5.01 18.92 -2.19
N DTY C 13 6.43 18.61 0.72
CA DTY C 13 7.57 18.92 1.64
C DTY C 13 7.77 17.67 2.44
O DTY C 13 7.69 16.62 1.91
CB DTY C 13 8.82 19.20 0.80
CG DTY C 13 10.07 19.55 1.71
CD1 DTY C 13 10.00 20.63 2.62
CD2 DTY C 13 11.24 18.82 1.61
CE1 DTY C 13 11.08 20.95 3.43
CE2 DTY C 13 12.33 19.14 2.43
CZ DTY C 13 12.25 20.21 3.33
OH DTY C 13 13.37 20.53 4.15
N ARG C 14 8.04 17.71 3.90
CA ARG C 14 8.18 16.39 4.53
C ARG C 14 7.69 16.44 5.96
N LEU D 1 12.18 9.20 -9.24
CA LEU D 1 11.98 8.70 -10.60
C LEU D 1 11.07 9.80 -11.12
N VAL D 2 11.45 10.62 -12.32
CA VAL D 2 10.51 11.65 -12.70
C VAL D 2 9.68 11.01 -13.83
N GLY D 3 8.20 11.24 -13.77
CA GLY D 3 7.30 10.68 -14.84
C GLY D 3 6.44 11.82 -15.42
N SER D 4 5.76 11.70 -16.74
CA SER D 4 4.98 12.82 -17.19
C SER D 4 3.76 13.02 -16.23
N ARG D 5 3.22 11.87 -15.46
CA ARG D 5 2.06 12.09 -14.62
C ARG D 5 2.41 12.23 -13.14
N HIS D 6 3.73 11.78 -12.69
CA HIS D 6 3.92 11.91 -11.25
C HIS D 6 5.43 11.69 -10.96
N THR D 7 6.05 12.44 -9.82
CA THR D 7 7.44 12.21 -9.54
C THR D 7 7.38 11.28 -8.29
N ILE D 8 8.09 9.97 -8.31
CA ILE D 8 8.01 9.11 -7.16
C ILE D 8 9.23 9.45 -6.27
N ALA D 9 9.00 9.85 -4.83
CA ALA D 9 10.15 10.15 -4.01
C ALA D 9 10.68 8.73 -3.64
N ILE D 10 12.14 8.41 -3.74
CA ILE D 10 12.55 7.07 -3.34
C ILE D 10 13.26 7.35 -2.00
N ASN D 11 12.96 6.58 -0.79
CA ASN D 11 13.67 6.93 0.42
C ASN D 11 15.09 6.34 0.50
C7 XAK D 12 20.80 5.60 5.17
C1 XAK D 12 17.46 6.50 1.40
C6 XAK D 12 19.29 5.47 4.82
C4 XAK D 12 17.85 7.61 -2.07
C3 XAK D 12 17.70 6.12 2.89
C2 XAK D 12 18.50 7.54 0.96
N XAK D 12 16.11 7.05 1.29
C XAK D 12 17.75 8.68 -3.28
O XAK D 12 18.67 8.88 -4.00
N5 XAK D 12 19.08 5.84 3.40
O4 XAK D 12 16.78 6.05 3.64
S3 XAK D 12 17.88 8.56 -0.47
N DTY D 13 16.49 9.45 -3.50
CA DTY D 13 16.44 10.43 -4.65
C DTY D 13 15.09 10.32 -5.31
O DTY D 13 14.08 10.40 -4.66
CB DTY D 13 16.64 11.86 -4.13
CG DTY D 13 16.70 12.95 -5.26
CD1 DTY D 13 15.82 14.05 -5.17
CD2 DTY D 13 17.62 12.87 -6.31
CE1 DTY D 13 15.86 15.05 -6.15
CE2 DTY D 13 17.65 13.86 -7.29
CZ DTY D 13 16.77 14.97 -7.20
OH DTY D 13 16.79 16.00 -8.19
N ARG D 14 14.97 10.10 -6.78
CA ARG D 14 13.58 10.02 -7.25
C ARG D 14 13.55 9.45 -8.65
MG MG E . -3.52 -13.77 -5.73
C1 GOL F . -2.96 -18.38 -3.39
O1 GOL F . -3.40 -18.97 -4.58
C2 GOL F . -2.48 -19.56 -2.53
O2 GOL F . -1.88 -20.50 -3.34
C3 GOL F . -1.47 -18.94 -1.53
O3 GOL F . -0.22 -18.99 -2.15
C1 GOL G . -1.37 -25.38 -9.96
O1 GOL G . -1.38 -25.58 -11.34
C2 GOL G . -1.67 -26.69 -9.27
O2 GOL G . -2.50 -26.51 -8.18
C3 GOL G . -0.27 -27.23 -8.86
O3 GOL G . 0.34 -27.63 -10.05
C1 GOL H . 3.26 -31.92 -15.94
O1 GOL H . 3.10 -31.08 -17.06
C2 GOL H . 4.74 -32.39 -16.00
O2 GOL H . 5.56 -31.39 -16.49
C3 GOL H . 5.10 -32.74 -14.53
O3 GOL H . 5.65 -31.59 -13.95
C1 GOL I . 1.93 -24.14 -28.35
O1 GOL I . 0.59 -24.48 -28.47
C2 GOL I . 2.72 -25.46 -28.10
O2 GOL I . 1.98 -26.36 -27.31
C3 GOL I . 4.04 -24.99 -27.39
O3 GOL I . 3.71 -24.72 -26.06
C1 GOL J . 29.91 -6.76 -4.23
O1 GOL J . 28.57 -7.15 -4.34
C2 GOL J . 30.42 -7.30 -2.87
O2 GOL J . 29.43 -7.91 -2.19
C3 GOL J . 30.88 -6.07 -2.14
O3 GOL J . 29.81 -5.79 -1.29
C1 GOL K . 23.27 -14.18 -3.03
O1 GOL K . 23.63 -14.97 -1.94
C2 GOL K . 22.93 -12.81 -2.44
O2 GOL K . 22.30 -11.98 -3.38
C3 GOL K . 24.27 -12.24 -1.96
O3 GOL K . 24.05 -11.76 -0.66
C1 GOL L . 13.61 8.76 -16.02
O1 GOL L . 12.61 8.55 -15.05
C2 GOL L . 14.95 8.88 -15.23
O2 GOL L . 16.12 8.89 -16.03
C3 GOL L . 14.80 10.15 -14.36
O3 GOL L . 14.03 9.81 -13.28
PG GNP M . -5.61 -13.81 -8.17
O1G GNP M . -7.02 -14.33 -8.24
O2G GNP M . -5.19 -13.43 -6.77
O3G GNP M . -5.45 -12.60 -9.12
N3B GNP M . -4.68 -15.12 -8.73
PB GNP M . -3.06 -15.06 -8.74
O1B GNP M . -2.52 -14.43 -7.49
O2B GNP M . -2.55 -14.37 -9.96
O3A GNP M . -2.60 -16.61 -8.85
PA GNP M . -2.13 -17.46 -7.63
O1A GNP M . -3.25 -17.43 -6.60
O2A GNP M . -0.74 -17.03 -7.20
O5' GNP M . -2.05 -18.89 -8.27
C5' GNP M . -3.14 -19.40 -9.07
C4' GNP M . -3.12 -20.91 -9.03
O4' GNP M . -2.06 -21.42 -9.86
C3' GNP M . -2.92 -21.56 -7.66
O3' GNP M . -3.67 -22.76 -7.64
C2' GNP M . -1.41 -21.81 -7.60
O2' GNP M . -1.11 -22.99 -6.87
C1' GNP M . -1.06 -22.06 -9.07
N9 GNP M . 0.26 -21.62 -9.54
C8 GNP M . 0.75 -20.33 -9.57
N7 GNP M . 1.95 -20.23 -10.11
C5 GNP M . 2.25 -21.53 -10.50
C6 GNP M . 3.43 -22.09 -11.14
O6 GNP M . 4.44 -21.49 -11.53
N1 GNP M . 3.31 -23.45 -11.34
C2 GNP M . 2.23 -24.21 -10.97
N2 GNP M . 2.29 -25.52 -11.23
N3 GNP M . 1.14 -23.72 -10.38
C4 GNP M . 1.22 -22.38 -10.17
MG MG N . -11.54 -4.66 7.99
C1 GOL O . -30.64 1.15 17.24
O1 GOL O . -30.68 2.36 16.56
C2 GOL O . -30.73 1.47 18.72
O2 GOL O . -30.12 2.68 19.03
C3 GOL O . -30.03 0.30 19.41
O3 GOL O . -29.25 0.86 20.41
C1 GOL P . -25.31 -3.79 12.28
O1 GOL P . -25.55 -2.83 13.26
C2 GOL P . -24.57 -4.98 12.95
O2 GOL P . -24.23 -5.98 12.04
C3 GOL P . -23.32 -4.37 13.56
O3 GOL P . -23.73 -3.47 14.54
C1 GOL Q . -18.26 -5.38 4.34
O1 GOL Q . -19.42 -5.92 4.90
C2 GOL Q . -17.90 -4.14 5.20
O2 GOL Q . -17.58 -3.01 4.40
C3 GOL Q . -16.72 -4.65 6.10
O3 GOL Q . -17.27 -5.38 7.18
C1 GOL R . -11.77 16.34 22.11
O1 GOL R . -11.82 16.05 20.72
C2 GOL R . -11.15 15.10 22.83
O2 GOL R . -9.76 15.12 22.82
C3 GOL R . -11.70 15.10 24.29
O3 GOL R . -10.74 14.35 25.05
C1 GOL S . -11.79 3.85 -2.77
O1 GOL S . -11.99 5.21 -3.05
C2 GOL S . -10.94 3.21 -3.93
O2 GOL S . -9.90 4.06 -4.35
C3 GOL S . -10.43 1.83 -3.33
O3 GOL S . -9.69 1.16 -4.32
PG GNP T . -11.25 -6.47 10.71
O1G GNP T . -11.41 -7.92 11.00
O2G GNP T . -11.26 -6.28 9.18
O3G GNP T . -10.00 -5.84 11.34
N3B GNP T . -12.59 -5.70 11.38
PB GNP T . -12.95 -4.16 11.12
O1B GNP T . -12.59 -3.71 9.73
O2B GNP T . -12.33 -3.21 12.13
O3A GNP T . -14.59 -4.14 11.32
PA GNP T . -15.67 -3.95 10.18
O1A GNP T . -15.59 -5.16 9.23
O2A GNP T . -15.56 -2.59 9.55
O5' GNP T . -17.01 -4.06 10.96
C5' GNP T . -17.28 -5.15 11.87
C4' GNP T . -18.76 -5.34 12.00
O4' GNP T . -19.35 -4.26 12.78
C3' GNP T . -19.54 -5.38 10.70
O3' GNP T . -20.69 -6.22 10.86
C2' GNP T . -19.97 -3.91 10.52
O2' GNP T . -21.17 -3.78 9.76
C1' GNP T . -20.24 -3.51 11.97
N9 GNP T . -19.99 -2.08 12.24
C8 GNP T . -18.83 -1.39 12.01
N7 GNP T . -18.92 -0.13 12.37
C5 GNP T . -20.21 0.00 12.86
C6 GNP T . -20.91 1.15 13.38
O6 GNP T . -20.47 2.28 13.53
N1 GNP T . -22.20 0.84 13.75
C2 GNP T . -22.78 -0.39 13.63
N2 GNP T . -24.05 -0.50 14.03
N3 GNP T . -22.14 -1.45 13.14
C4 GNP T . -20.88 -1.18 12.78
C1 GOL U . 15.56 14.84 14.91
O1 GOL U . 15.98 15.35 16.15
C2 GOL U . 14.04 14.52 15.04
O2 GOL U . 13.76 13.80 16.20
C3 GOL U . 13.31 15.90 15.01
O3 GOL U . 14.30 16.89 14.95
C1 GOL V . 0.60 13.67 -8.91
O1 GOL V . 0.24 12.55 -9.70
C2 GOL V . 1.63 14.57 -9.65
O2 GOL V . 1.02 15.75 -10.07
C3 GOL V . 2.76 14.87 -8.59
O3 GOL V . 4.01 14.33 -8.95
#